data_6ZUU
#
_entry.id   6ZUU
#
_cell.length_a   69.970
_cell.length_b   71.300
_cell.length_c   71.860
_cell.angle_alpha   90.000
_cell.angle_beta   99.920
_cell.angle_gamma   90.000
#
_symmetry.space_group_name_H-M   'C 1 2 1'
#
loop_
_entity.id
_entity.type
_entity.pdbx_description
1 polymer Prothrombin
2 polymer Prothrombin
3 polymer Hirudin-2
4 non-polymer [2-[(3-chlorophenyl)methylamino]-4-methoxy-1,3-benzoxazol-6-yl]-[(3~{R},4~{R})-3-methyl-4-oxidanyl-piperidin-1-yl]methanone
5 non-polymer 2-acetamido-2-deoxy-beta-D-glucopyranose
6 water water
#
loop_
_entity_poly.entity_id
_entity_poly.type
_entity_poly.pdbx_seq_one_letter_code
_entity_poly.pdbx_strand_id
1 'polypeptide(L)' TFGSGEADCGLRPLFEKKSLEDKTERELLESYIDGR L
2 'polypeptide(L)'
;IVEGSDAEIGMSPWQVMLFRKSPQELLCGASLISDRWVLTAAHCLLYPPWDKNFTENDLLVRIGKHSRTRYERNIEKISM
LEKIYIHPRYNWRENLDRDIALMKLKKPVAFSDYIHPVCLPDRETAASLLQAGYKGRVTGWGNLKETWTANVGKGQPSVL
QVVNLPIVERPVCKDSTRIRITDNMFCAGYKPDEGKRGDACEGDSGGPFVMKSPFNNRWYQMGIVSWGEGCDRDGKYGFY
THVFRLKKWIQKVIDQFGE
;
H
3 'polypeptide(L)' GDFEEIPEE(TYS)L I
#
loop_
_chem_comp.id
_chem_comp.type
_chem_comp.name
_chem_comp.formula
NAG D-saccharide, beta linking 2-acetamido-2-deoxy-beta-D-glucopyranose 'C8 H15 N O6'
QQN non-polymer [2-[(3-chlorophenyl)methylamino]-4-methoxy-1,3-benzoxazol-6-yl]-[(3~{R},4~{R})-3-methyl-4-oxidanyl-piperidin-1-yl]methanone 'C22 H24 Cl N3 O4'
#
# COMPACT_ATOMS: atom_id res chain seq x y z
N ALA A 7 -0.33 20.29 1.85
CA ALA A 7 -1.28 20.88 2.88
C ALA A 7 -2.57 20.08 2.87
N ASP A 8 -2.97 19.54 1.71
CA ASP A 8 -4.18 18.73 1.61
C ASP A 8 -4.07 17.25 1.80
N CYS A 9 -2.89 16.76 2.13
CA CYS A 9 -2.69 15.29 2.12
C CYS A 9 -3.66 14.64 3.10
N GLY A 10 -4.16 13.49 2.69
CA GLY A 10 -4.85 12.55 3.57
C GLY A 10 -6.26 12.96 3.89
N LEU A 11 -6.75 13.94 3.14
CA LEU A 11 -8.16 14.40 3.23
C LEU A 11 -8.86 14.06 1.93
N ARG A 12 -9.78 13.10 2.00
CA ARG A 12 -10.36 12.56 0.79
C ARG A 12 -11.48 13.43 0.23
N PRO A 13 -11.45 13.72 -1.08
CA PRO A 13 -12.46 14.55 -1.70
C PRO A 13 -13.87 14.05 -1.49
N LEU A 14 -14.04 12.72 -1.45
CA LEU A 14 -15.37 12.14 -1.24
C LEU A 14 -15.74 11.81 0.17
N PHE A 15 -14.82 12.04 1.11
CA PHE A 15 -15.08 11.76 2.52
C PHE A 15 -14.76 12.94 3.44
N GLU A 16 -13.51 13.12 3.89
CA GLU A 16 -13.23 14.19 4.83
C GLU A 16 -13.64 15.58 4.22
N LYS A 17 -13.40 15.73 2.91
CA LYS A 17 -13.58 17.06 2.24
C LYS A 17 -15.04 17.50 2.27
N LYS A 18 -15.97 16.55 2.21
CA LYS A 18 -17.41 16.76 2.37
C LYS A 18 -18.03 16.33 3.68
N SER A 19 -17.23 16.00 4.67
CA SER A 19 -17.65 15.50 5.97
C SER A 19 -18.61 14.30 5.88
N LEU A 20 -18.26 13.32 5.04
CA LEU A 20 -18.90 12.02 5.03
C LEU A 20 -17.89 10.97 5.56
N GLU A 21 -18.36 10.01 6.35
CA GLU A 21 -17.52 8.93 6.84
C GLU A 21 -17.68 7.69 5.96
N ASP A 22 -16.60 6.91 5.77
CA ASP A 22 -16.76 5.65 5.02
C ASP A 22 -17.35 4.65 6.02
N LYS A 23 -17.80 3.49 5.53
CA LYS A 23 -18.48 2.52 6.41
C LYS A 23 -17.62 1.86 7.54
N THR A 24 -16.30 1.90 7.49
CA THR A 24 -15.57 1.21 8.56
C THR A 24 -14.52 2.07 9.26
N GLU A 25 -14.37 3.34 8.88
CA GLU A 25 -13.35 4.15 9.54
C GLU A 25 -13.54 4.28 11.09
N ARG A 26 -14.78 4.16 11.57
CA ARG A 26 -15.08 4.14 13.02
C ARG A 26 -14.43 2.95 13.73
N GLU A 27 -14.31 1.80 13.02
CA GLU A 27 -13.54 0.66 13.61
C GLU A 27 -12.12 1.09 13.93
N LEU A 28 -11.49 1.81 13.03
CA LEU A 28 -10.15 2.33 13.32
C LEU A 28 -10.15 3.21 14.59
N LEU A 29 -11.05 4.18 14.61
CA LEU A 29 -11.10 5.22 15.66
C LEU A 29 -11.31 4.50 16.98
N GLU A 30 -12.21 3.53 16.99
CA GLU A 30 -12.54 2.82 18.23
C GLU A 30 -11.34 2.06 18.79
N SER A 31 -10.40 1.67 17.95
CA SER A 31 -9.16 0.96 18.45
C SER A 31 -8.10 1.94 18.96
N TYR A 32 -8.32 3.26 18.78
CA TYR A 32 -7.31 4.24 19.10
C TYR A 32 -7.55 4.76 20.52
N ILE A 33 -7.30 3.82 21.42
CA ILE A 33 -6.82 3.93 22.83
C ILE A 33 -7.25 2.60 23.43
N ILE B 1 -6.23 -9.34 -1.35
CA ILE B 1 -6.72 -9.20 0.05
C ILE B 1 -7.68 -10.31 0.35
N VAL B 2 -7.41 -11.04 1.40
CA VAL B 2 -8.27 -12.16 1.86
C VAL B 2 -9.16 -11.71 3.02
N GLU B 3 -10.44 -12.05 2.93
CA GLU B 3 -11.44 -11.69 3.94
C GLU B 3 -11.61 -10.20 4.10
N GLY B 4 -11.46 -9.44 3.02
CA GLY B 4 -11.69 -8.03 3.05
C GLY B 4 -13.08 -7.76 2.48
N SER B 5 -13.36 -6.53 2.13
CA SER B 5 -14.60 -6.32 1.33
C SER B 5 -14.38 -5.31 0.24
N ASP B 6 -15.37 -5.08 -0.64
CA ASP B 6 -15.17 -4.07 -1.69
C ASP B 6 -14.97 -2.67 -1.12
N ALA B 7 -13.97 -1.93 -1.63
CA ALA B 7 -13.82 -0.51 -1.30
C ALA B 7 -15.02 0.29 -1.69
N GLU B 8 -15.29 1.35 -0.96
CA GLU B 8 -16.24 2.33 -1.46
C GLU B 8 -15.58 3.19 -2.54
N ILE B 9 -16.40 3.82 -3.37
CA ILE B 9 -15.86 4.74 -4.38
C ILE B 9 -15.11 5.92 -3.71
N GLY B 10 -13.92 6.21 -4.19
CA GLY B 10 -13.07 7.27 -3.58
C GLY B 10 -12.56 7.02 -2.15
N MET B 11 -12.69 5.76 -1.68
CA MET B 11 -12.25 5.42 -0.31
C MET B 11 -10.73 5.49 -0.10
N SER B 12 -9.97 5.20 -1.13
CA SER B 12 -8.57 5.09 -1.06
C SER B 12 -7.98 5.79 -2.25
N PRO B 13 -8.10 7.16 -2.32
CA PRO B 13 -7.75 7.91 -3.52
C PRO B 13 -6.31 8.05 -3.84
N TRP B 14 -5.47 7.62 -2.91
CA TRP B 14 -4.03 7.45 -3.03
C TRP B 14 -3.58 6.07 -3.59
N GLN B 15 -4.51 5.14 -3.88
CA GLN B 15 -4.13 3.80 -4.30
C GLN B 15 -3.64 3.89 -5.69
N VAL B 16 -2.58 3.13 -5.96
CA VAL B 16 -1.97 3.09 -7.24
C VAL B 16 -1.81 1.63 -7.58
N MET B 17 -2.10 1.31 -8.84
CA MET B 17 -1.71 -0.01 -9.41
C MET B 17 -0.46 0.11 -10.24
N LEU B 18 0.52 -0.74 -9.94
CA LEU B 18 1.67 -0.93 -10.72
C LEU B 18 1.29 -2.01 -11.75
N PHE B 19 1.36 -1.61 -12.99
CA PHE B 19 0.84 -2.42 -14.09
C PHE B 19 1.96 -2.75 -15.09
N ARG B 20 2.20 -4.04 -15.32
CA ARG B 20 3.19 -4.45 -16.31
C ARG B 20 2.63 -4.24 -17.72
N LYS B 21 3.44 -3.64 -18.62
CA LYS B 21 3.04 -3.39 -20.02
C LYS B 21 2.89 -4.66 -20.82
N SER B 22 3.84 -5.60 -20.62
CA SER B 22 3.93 -6.86 -21.42
C SER B 22 4.54 -8.03 -20.62
N PRO B 23 3.74 -9.08 -20.33
CA PRO B 23 2.27 -9.17 -20.56
C PRO B 23 1.51 -8.17 -19.65
N GLN B 24 0.37 -7.69 -20.12
CA GLN B 24 -0.43 -6.71 -19.38
C GLN B 24 -1.00 -7.42 -18.14
N GLU B 25 -0.48 -7.12 -16.93
CA GLU B 25 -0.88 -7.78 -15.69
C GLU B 25 -0.59 -6.90 -14.44
N LEU B 26 -1.19 -7.29 -13.32
CA LEU B 26 -1.02 -6.53 -12.06
C LEU B 26 0.34 -6.89 -11.58
N LEU B 27 1.19 -5.91 -11.30
CA LEU B 27 2.49 -6.18 -10.62
C LEU B 27 2.49 -5.98 -9.10
N CYS B 28 1.74 -5.01 -8.63
CA CYS B 28 1.82 -4.74 -7.21
C CYS B 28 0.92 -3.56 -6.95
N GLY B 29 0.78 -3.20 -5.67
CA GLY B 29 0.17 -1.91 -5.29
C GLY B 29 1.28 -0.91 -5.03
N ALA B 30 0.86 0.27 -4.68
CA ALA B 30 1.69 1.44 -4.56
C ALA B 30 0.79 2.54 -4.03
N SER B 31 1.36 3.73 -3.74
CA SER B 31 0.57 4.81 -3.26
C SER B 31 1.08 6.16 -3.75
N LEU B 32 0.17 7.12 -3.88
CA LEU B 32 0.50 8.42 -4.38
C LEU B 32 0.82 9.32 -3.15
N ILE B 33 2.01 9.88 -3.11
CA ILE B 33 2.42 10.80 -2.01
C ILE B 33 2.57 12.30 -2.35
N SER B 34 2.52 12.61 -3.67
CA SER B 34 2.45 13.92 -4.18
C SER B 34 1.98 13.82 -5.63
N ASP B 35 2.01 14.94 -6.36
CA ASP B 35 1.58 14.84 -7.77
C ASP B 35 2.61 14.16 -8.69
N ARG B 36 3.86 13.97 -8.25
CA ARG B 36 4.87 13.27 -9.04
C ARG B 36 5.52 12.04 -8.41
N TRP B 37 5.18 11.70 -7.18
CA TRP B 37 5.93 10.65 -6.45
C TRP B 37 4.96 9.56 -6.01
N VAL B 38 5.42 8.34 -6.25
CA VAL B 38 4.67 7.16 -5.87
C VAL B 38 5.58 6.25 -4.99
N LEU B 39 5.00 5.73 -3.94
CA LEU B 39 5.67 4.89 -3.02
C LEU B 39 5.26 3.46 -3.23
N THR B 40 6.22 2.54 -3.17
CA THR B 40 5.91 1.12 -3.20
C THR B 40 6.99 0.27 -2.41
N ALA B 41 6.92 -1.05 -2.53
CA ALA B 41 7.85 -1.99 -1.92
C ALA B 41 8.92 -2.23 -2.91
N ALA B 42 10.19 -2.19 -2.44
CA ALA B 42 11.39 -2.50 -3.29
C ALA B 42 11.20 -3.78 -4.05
N HIS B 43 10.63 -4.80 -3.40
CA HIS B 43 10.59 -6.10 -4.05
C HIS B 43 9.55 -6.26 -5.12
N CYS B 44 8.66 -5.26 -5.26
CA CYS B 44 7.87 -5.10 -6.44
C CYS B 44 8.64 -4.83 -7.72
N LEU B 45 9.78 -4.17 -7.58
CA LEU B 45 10.65 -3.77 -8.69
C LEU B 45 11.92 -4.60 -8.82
N LEU B 46 12.50 -4.99 -7.69
CA LEU B 46 13.80 -5.67 -7.67
C LEU B 46 13.73 -6.83 -6.71
N TYR B 47 13.93 -8.05 -7.20
CA TYR B 47 14.01 -9.21 -6.38
C TYR B 47 14.66 -10.34 -7.15
N PRO B 48 15.98 -10.36 -7.14
CA PRO B 48 16.78 -11.40 -7.83
C PRO B 48 16.40 -12.86 -7.63
N PRO B 49 15.95 -13.26 -6.42
CA PRO B 49 15.58 -14.65 -6.28
C PRO B 49 14.47 -15.17 -7.22
N TRP B 50 13.56 -14.26 -7.63
CA TRP B 50 12.54 -14.60 -8.57
C TRP B 50 12.82 -13.97 -9.94
N ASP B 51 14.10 -13.65 -10.22
CA ASP B 51 14.48 -12.91 -11.44
C ASP B 51 13.53 -11.72 -11.74
N LYS B 52 13.21 -10.93 -10.71
CA LYS B 52 12.49 -9.63 -10.92
C LYS B 52 13.50 -8.50 -10.93
N ASN B 53 13.55 -7.76 -12.04
CA ASN B 53 14.36 -6.56 -12.10
C ASN B 53 13.76 -5.59 -13.12
N PHE B 54 12.72 -4.87 -12.71
CA PHE B 54 11.99 -4.00 -13.61
C PHE B 54 12.65 -2.65 -13.81
N THR B 55 12.70 -2.25 -15.08
CA THR B 55 13.22 -0.97 -15.49
C THR B 55 11.98 0.00 -15.61
N GLU B 56 12.21 1.31 -15.64
CA GLU B 56 11.16 2.33 -15.83
C GLU B 56 10.24 2.02 -16.98
N ASN B 57 10.81 1.71 -18.14
CA ASN B 57 9.96 1.48 -19.34
C ASN B 57 9.14 0.17 -19.30
N ASP B 58 9.34 -0.71 -18.31
CA ASP B 58 8.54 -1.94 -18.18
C ASP B 58 7.12 -1.79 -17.65
N LEU B 59 6.86 -0.68 -16.98
CA LEU B 59 5.73 -0.54 -16.11
C LEU B 59 5.00 0.79 -16.39
N LEU B 60 3.81 0.83 -15.85
CA LEU B 60 2.96 2.02 -15.78
C LEU B 60 2.31 2.06 -14.39
N VAL B 61 1.90 3.27 -14.02
CA VAL B 61 1.23 3.54 -12.80
C VAL B 61 -0.20 3.95 -13.21
N ARG B 62 -1.20 3.29 -12.63
CA ARG B 62 -2.61 3.53 -12.82
C ARG B 62 -3.18 4.06 -11.53
N ILE B 63 -3.68 5.30 -11.61
CA ILE B 63 -4.13 6.01 -10.44
C ILE B 63 -5.62 6.31 -10.58
N GLY B 64 -6.33 6.29 -9.46
CA GLY B 64 -7.76 6.64 -9.47
C GLY B 64 -8.65 5.44 -9.72
N LYS B 65 -8.08 4.21 -9.60
CA LYS B 65 -8.82 3.01 -10.08
C LYS B 65 -9.67 2.47 -8.97
N HIS B 66 -10.69 1.66 -9.37
CA HIS B 66 -11.57 0.93 -8.48
C HIS B 66 -11.67 -0.48 -9.10
N SER B 67 -12.18 -0.60 -10.35
CA SER B 67 -12.21 -1.89 -11.01
C SER B 67 -10.81 -2.43 -11.23
N ARG B 68 -10.63 -3.71 -11.01
CA ARG B 68 -9.29 -4.31 -11.18
C ARG B 68 -8.90 -4.30 -12.66
N THR B 69 -9.73 -4.91 -13.53
CA THR B 69 -9.34 -5.12 -14.93
C THR B 69 -9.76 -4.09 -15.95
N ARG B 70 -10.78 -3.28 -15.68
CA ARG B 70 -11.30 -2.41 -16.71
C ARG B 70 -10.45 -1.15 -16.82
N TYR B 71 -10.47 -0.58 -18.03
CA TYR B 71 -9.97 0.74 -18.29
C TYR B 71 -11.07 1.75 -17.94
N GLU B 72 -10.85 2.45 -16.84
CA GLU B 72 -11.86 3.36 -16.26
C GLU B 72 -11.72 4.78 -16.85
N ARG B 73 -12.15 4.90 -18.11
CA ARG B 73 -12.17 6.13 -18.88
C ARG B 73 -13.03 6.99 -17.97
N ASN B 74 -12.88 8.15 -17.46
CA ASN B 74 -12.33 9.43 -17.60
C ASN B 74 -12.22 9.50 -16.04
N ILE B 75 -11.77 8.41 -15.42
CA ILE B 75 -11.60 8.29 -13.97
C ILE B 75 -10.15 8.06 -13.65
N GLU B 76 -9.61 6.96 -14.16
CA GLU B 76 -8.26 6.64 -13.87
C GLU B 76 -7.33 7.51 -14.71
N LYS B 77 -6.09 7.61 -14.29
CA LYS B 77 -5.06 8.22 -15.07
C LYS B 77 -3.87 7.30 -15.02
N ILE B 78 -3.22 7.19 -16.18
CA ILE B 78 -2.07 6.28 -16.35
C ILE B 78 -0.81 7.13 -16.57
N SER B 79 0.25 6.84 -15.84
CA SER B 79 1.45 7.66 -15.82
C SER B 79 2.63 6.76 -16.12
N MET B 80 3.63 7.36 -16.75
CA MET B 80 4.86 6.70 -17.13
C MET B 80 5.83 7.07 -16.03
N LEU B 81 6.82 6.22 -15.79
CA LEU B 81 7.91 6.47 -14.82
C LEU B 81 9.08 7.20 -15.41
N GLU B 82 9.51 8.28 -14.76
CA GLU B 82 10.77 8.94 -15.07
C GLU B 82 11.88 8.10 -14.47
N LYS B 83 11.75 7.70 -13.19
CA LYS B 83 12.86 7.09 -12.50
C LYS B 83 12.42 6.36 -11.22
N ILE B 84 13.08 5.23 -10.97
CA ILE B 84 12.86 4.37 -9.82
C ILE B 84 14.03 4.63 -8.89
N TYR B 85 13.78 4.61 -7.59
CA TYR B 85 14.82 4.79 -6.56
C TYR B 85 14.58 3.77 -5.49
N ILE B 86 15.51 2.85 -5.35
CA ILE B 86 15.39 1.76 -4.41
C ILE B 86 16.29 2.09 -3.25
N HIS B 87 15.82 1.88 -2.02
CA HIS B 87 16.62 2.11 -0.83
C HIS B 87 17.97 1.38 -0.96
N PRO B 88 19.09 2.10 -0.74
CA PRO B 88 20.39 1.47 -0.97
C PRO B 88 20.71 0.35 0.04
N ARG B 89 20.00 0.25 1.14
CA ARG B 89 20.25 -0.84 2.09
C ARG B 89 19.04 -1.78 2.18
N TYR B 90 18.23 -1.78 1.10
CA TYR B 90 17.18 -2.84 0.90
C TYR B 90 17.78 -4.26 0.89
N ASN B 91 17.37 -5.09 1.83
CA ASN B 91 18.05 -6.40 2.05
C ASN B 91 17.17 -7.47 1.38
N TRP B 92 17.28 -7.58 0.06
CA TRP B 92 16.57 -8.67 -0.60
C TRP B 92 17.13 -10.07 -0.25
N ARG B 93 18.41 -10.16 0.11
CA ARG B 93 19.03 -11.49 0.31
C ARG B 93 18.43 -12.26 1.47
N GLU B 94 18.05 -11.59 2.54
CA GLU B 94 17.72 -12.30 3.76
C GLU B 94 16.22 -12.17 4.07
N ASN B 95 15.74 -10.95 4.40
CA ASN B 95 14.47 -10.81 5.09
C ASN B 95 13.61 -9.63 4.60
N LEU B 96 13.92 -9.05 3.44
CA LEU B 96 13.20 -7.84 2.95
C LEU B 96 13.31 -6.62 3.88
N ASP B 97 14.42 -6.51 4.60
CA ASP B 97 14.64 -5.32 5.45
C ASP B 97 14.73 -4.07 4.57
N ARG B 98 14.03 -3.00 4.97
CA ARG B 98 13.96 -1.77 4.17
C ARG B 98 13.36 -1.97 2.78
N ASP B 99 12.19 -2.61 2.76
CA ASP B 99 11.43 -2.91 1.54
C ASP B 99 10.62 -1.69 1.08
N ILE B 100 11.31 -0.77 0.41
CA ILE B 100 10.79 0.54 0.10
C ILE B 100 11.47 1.06 -1.16
N ALA B 101 10.68 1.67 -2.00
CA ALA B 101 11.17 2.31 -3.19
C ALA B 101 10.24 3.43 -3.59
N LEU B 102 10.78 4.36 -4.39
CA LEU B 102 10.07 5.51 -4.87
C LEU B 102 10.09 5.45 -6.42
N MET B 103 9.07 6.05 -7.02
CA MET B 103 8.99 6.22 -8.43
C MET B 103 8.58 7.68 -8.69
N LYS B 104 9.37 8.40 -9.45
CA LYS B 104 9.02 9.74 -9.96
C LYS B 104 8.29 9.60 -11.28
N LEU B 105 7.12 10.23 -11.41
CA LEU B 105 6.35 10.15 -12.68
C LEU B 105 6.91 11.15 -13.64
N LYS B 106 6.73 10.90 -14.94
CA LYS B 106 7.14 11.83 -15.98
C LYS B 106 6.42 13.16 -15.96
N LYS B 107 5.16 13.17 -15.58
CA LYS B 107 4.36 14.43 -15.53
C LYS B 107 3.60 14.43 -14.24
N PRO B 108 3.21 15.59 -13.75
CA PRO B 108 2.32 15.52 -12.59
C PRO B 108 0.94 14.97 -12.98
N VAL B 109 0.35 14.20 -12.06
CA VAL B 109 -1.03 13.72 -12.18
C VAL B 109 -1.96 14.78 -11.58
N ALA B 110 -3.05 15.06 -12.29
CA ALA B 110 -4.09 15.91 -11.76
C ALA B 110 -4.90 15.29 -10.61
N PHE B 111 -5.01 15.99 -9.46
CA PHE B 111 -5.87 15.46 -8.39
C PHE B 111 -7.35 15.57 -8.78
N SER B 112 -8.19 14.77 -8.16
CA SER B 112 -9.61 14.69 -8.57
C SER B 112 -10.34 14.07 -7.40
N ASP B 113 -11.64 13.88 -7.53
CA ASP B 113 -12.38 13.11 -6.52
C ASP B 113 -11.82 11.69 -6.27
N TYR B 114 -11.14 11.12 -7.26
CA TYR B 114 -10.65 9.73 -7.17
C TYR B 114 -9.15 9.62 -6.94
N ILE B 115 -8.47 10.76 -7.06
CA ILE B 115 -7.02 10.78 -7.04
C ILE B 115 -6.53 11.91 -6.10
N HIS B 116 -5.78 11.51 -5.04
CA HIS B 116 -5.42 12.41 -3.95
C HIS B 116 -4.35 11.80 -3.14
N PRO B 117 -3.32 12.56 -2.74
CA PRO B 117 -2.24 11.96 -1.95
C PRO B 117 -2.55 11.70 -0.46
N VAL B 118 -1.88 10.67 0.03
CA VAL B 118 -1.82 10.29 1.44
C VAL B 118 -0.68 11.06 2.10
N CYS B 119 -0.83 11.36 3.38
CA CYS B 119 0.25 11.96 4.17
C CYS B 119 1.30 10.93 4.61
N LEU B 120 2.56 11.38 4.72
CA LEU B 120 3.57 10.59 5.41
C LEU B 120 3.64 10.91 6.87
N PRO B 121 3.79 9.89 7.75
CA PRO B 121 3.88 10.27 9.17
C PRO B 121 5.11 11.11 9.57
N ASP B 122 4.99 11.91 10.61
CA ASP B 122 6.18 12.46 11.27
C ASP B 122 6.38 11.64 12.54
N ARG B 123 7.47 11.90 13.27
CA ARG B 123 7.87 11.08 14.45
C ARG B 123 6.75 11.00 15.50
N GLU B 124 5.98 12.09 15.63
CA GLU B 124 4.90 12.16 16.62
C GLU B 124 3.69 11.30 16.18
N THR B 125 3.36 11.32 14.92
CA THR B 125 2.25 10.50 14.44
C THR B 125 2.61 9.05 14.65
N ALA B 126 3.85 8.68 14.32
CA ALA B 126 4.28 7.30 14.54
C ALA B 126 4.16 6.93 15.98
N ALA B 127 4.68 7.76 16.83
CA ALA B 127 4.66 7.36 18.24
C ALA B 127 3.21 7.29 18.78
N SER B 128 2.36 8.21 18.35
CA SER B 128 0.97 8.14 18.72
C SER B 128 0.26 6.92 18.22
N LEU B 129 0.46 6.57 16.93
CA LEU B 129 -0.45 5.60 16.27
C LEU B 129 0.06 4.14 16.15
N LEU B 130 1.38 3.93 16.24
CA LEU B 130 1.94 2.62 15.89
C LEU B 130 2.03 1.87 17.15
N GLN B 131 0.87 1.43 17.60
CA GLN B 131 0.73 0.78 18.92
C GLN B 131 -0.05 -0.49 18.74
N ALA B 132 0.38 -1.57 19.44
CA ALA B 132 -0.25 -2.88 19.39
C ALA B 132 -1.72 -2.66 19.62
N GLY B 133 -2.60 -3.23 18.79
CA GLY B 133 -4.02 -3.08 19.05
C GLY B 133 -4.72 -1.99 18.22
N TYR B 134 -3.99 -0.92 17.90
CA TYR B 134 -4.47 0.15 17.01
C TYR B 134 -4.61 -0.40 15.60
N LYS B 135 -5.75 -0.18 14.94
CA LYS B 135 -5.92 -0.69 13.60
C LYS B 135 -5.53 0.22 12.48
N GLY B 136 -5.00 -0.35 11.41
CA GLY B 136 -4.82 0.31 10.17
C GLY B 136 -5.64 -0.38 9.07
N ARG B 137 -5.49 0.12 7.83
CA ARG B 137 -6.29 -0.33 6.73
C ARG B 137 -5.38 -0.64 5.56
N VAL B 138 -5.58 -1.82 4.97
CA VAL B 138 -4.74 -2.33 3.89
C VAL B 138 -5.69 -2.53 2.68
N THR B 139 -5.32 -1.96 1.51
CA THR B 139 -6.10 -1.99 0.30
C THR B 139 -5.26 -2.61 -0.83
N GLY B 140 -5.91 -3.29 -1.75
CA GLY B 140 -5.28 -3.85 -2.92
C GLY B 140 -6.19 -4.71 -3.81
N TRP B 141 -5.65 -5.07 -4.97
CA TRP B 141 -6.25 -5.92 -5.95
C TRP B 141 -5.63 -7.31 -6.04
N GLY B 142 -4.96 -7.73 -4.99
CA GLY B 142 -4.31 -9.06 -4.88
C GLY B 142 -5.33 -10.12 -4.73
N ASN B 143 -4.86 -11.35 -4.65
CA ASN B 143 -5.71 -12.50 -4.51
C ASN B 143 -6.62 -12.42 -3.28
N LEU B 144 -7.80 -13.05 -3.48
CA LEU B 144 -8.76 -13.20 -2.43
C LEU B 144 -8.44 -14.41 -1.49
N LYS B 145 -7.57 -15.30 -1.93
CA LYS B 145 -7.17 -16.34 -1.03
C LYS B 145 -5.81 -16.89 -1.43
N GLU B 146 -5.21 -17.59 -0.51
CA GLU B 146 -3.88 -18.11 -0.76
C GLU B 146 -3.80 -19.06 -2.00
N THR B 147 -4.71 -20.00 -2.15
CA THR B 147 -4.47 -21.05 -3.23
C THR B 147 -5.73 -21.47 -3.98
N GLY B 155 -11.09 -16.15 -6.68
CA GLY B 155 -9.64 -16.01 -6.79
C GLY B 155 -9.14 -14.58 -6.84
N GLN B 156 -9.56 -13.83 -7.85
CA GLN B 156 -9.16 -12.42 -7.97
C GLN B 156 -10.36 -11.48 -7.89
N PRO B 157 -10.17 -10.26 -7.39
CA PRO B 157 -11.31 -9.37 -7.13
C PRO B 157 -11.81 -8.66 -8.42
N SER B 158 -13.09 -8.36 -8.51
CA SER B 158 -13.56 -7.45 -9.53
C SER B 158 -13.12 -6.00 -9.18
N VAL B 159 -13.24 -5.62 -7.89
CA VAL B 159 -12.86 -4.31 -7.45
C VAL B 159 -11.88 -4.25 -6.25
N LEU B 160 -11.33 -3.07 -6.07
CA LEU B 160 -10.38 -2.79 -4.98
C LEU B 160 -10.92 -3.33 -3.63
N GLN B 161 -10.05 -4.03 -2.90
CA GLN B 161 -10.47 -4.62 -1.65
C GLN B 161 -9.88 -3.91 -0.48
N VAL B 162 -10.53 -4.01 0.64
CA VAL B 162 -10.14 -3.26 1.86
C VAL B 162 -10.30 -4.19 3.00
N VAL B 163 -9.35 -4.12 3.92
CA VAL B 163 -9.42 -4.77 5.24
C VAL B 163 -8.77 -3.94 6.34
N ASN B 164 -9.38 -3.92 7.51
CA ASN B 164 -8.85 -3.21 8.65
C ASN B 164 -8.24 -4.29 9.59
N LEU B 165 -7.01 -4.08 10.04
CA LEU B 165 -6.27 -5.05 10.84
C LEU B 165 -5.49 -4.43 12.01
N PRO B 166 -5.47 -5.11 13.17
CA PRO B 166 -4.76 -4.50 14.28
C PRO B 166 -3.24 -4.68 14.17
N ILE B 167 -2.47 -3.67 14.60
CA ILE B 167 -1.07 -3.84 14.79
C ILE B 167 -0.75 -4.86 15.93
N VAL B 168 0.25 -5.69 15.76
CA VAL B 168 0.49 -6.80 16.71
C VAL B 168 1.75 -6.51 17.53
N GLU B 169 1.77 -6.92 18.78
CA GLU B 169 2.92 -6.74 19.68
C GLU B 169 4.17 -7.30 18.99
N ARG B 170 5.31 -6.63 19.11
CA ARG B 170 6.57 -7.09 18.52
C ARG B 170 7.03 -8.56 18.88
N PRO B 171 6.93 -8.96 20.16
CA PRO B 171 7.32 -10.32 20.44
C PRO B 171 6.44 -11.35 19.71
N VAL B 172 5.16 -11.07 19.62
CA VAL B 172 4.24 -11.97 18.95
C VAL B 172 4.57 -12.04 17.45
N CYS B 173 4.91 -10.91 16.82
CA CYS B 173 5.38 -10.90 15.46
C CYS B 173 6.59 -11.80 15.30
N LYS B 174 7.56 -11.66 16.19
CA LYS B 174 8.80 -12.42 16.11
C LYS B 174 8.56 -13.95 16.23
N ASP B 175 7.70 -14.29 17.19
CA ASP B 175 7.39 -15.64 17.56
C ASP B 175 6.52 -16.36 16.53
N SER B 176 6.07 -15.64 15.48
CA SER B 176 5.25 -16.19 14.48
C SER B 176 6.04 -16.79 13.33
N THR B 177 7.34 -16.57 13.35
CA THR B 177 8.11 -16.80 12.17
C THR B 177 9.53 -17.19 12.54
N ARG B 178 10.20 -17.83 11.58
CA ARG B 178 11.60 -18.13 11.70
C ARG B 178 12.44 -17.01 11.06
N ILE B 179 11.82 -16.11 10.28
CA ILE B 179 12.52 -15.02 9.65
C ILE B 179 12.87 -13.98 10.70
N ARG B 180 14.05 -13.37 10.57
CA ARG B 180 14.47 -12.28 11.46
C ARG B 180 13.78 -10.94 11.10
N ILE B 181 13.10 -10.40 12.10
CA ILE B 181 12.28 -9.21 11.98
C ILE B 181 13.04 -8.03 12.53
N THR B 182 13.15 -6.91 11.78
CA THR B 182 13.97 -5.78 12.14
C THR B 182 13.00 -4.65 12.58
N ASP B 183 13.61 -3.58 13.13
CA ASP B 183 12.89 -2.47 13.59
C ASP B 183 12.31 -1.70 12.43
N ASN B 184 12.76 -2.00 11.22
CA ASN B 184 12.17 -1.43 10.00
C ASN B 184 10.86 -2.10 9.53
N MET B 185 10.32 -3.02 10.35
CA MET B 185 9.07 -3.79 10.02
C MET B 185 8.17 -3.77 11.24
N PHE B 186 6.86 -3.88 10.99
CA PHE B 186 5.89 -4.20 12.00
C PHE B 186 4.96 -5.19 11.36
N CYS B 187 4.28 -5.96 12.18
CA CYS B 187 3.28 -6.87 11.67
C CYS B 187 1.90 -6.47 12.17
N ALA B 188 0.91 -7.01 11.49
CA ALA B 188 -0.44 -6.73 11.74
C ALA B 188 -1.34 -7.91 11.35
N GLY B 189 -2.53 -7.98 11.98
CA GLY B 189 -3.42 -9.19 11.77
C GLY B 189 -4.07 -9.64 13.05
N TYR B 190 -5.17 -10.34 12.90
CA TYR B 190 -5.87 -10.88 14.02
C TYR B 190 -5.12 -12.13 14.50
N LYS B 191 -5.20 -12.39 15.80
CA LYS B 191 -4.76 -13.65 16.38
C LYS B 191 -5.88 -14.67 16.16
N PRO B 192 -5.58 -15.98 16.34
CA PRO B 192 -6.57 -17.10 16.32
C PRO B 192 -7.70 -16.93 17.33
N ASP B 193 -7.39 -16.56 18.56
CA ASP B 193 -8.48 -16.46 19.55
C ASP B 193 -9.33 -15.16 19.34
N GLU B 194 -8.85 -14.22 18.50
CA GLU B 194 -9.64 -13.03 18.19
C GLU B 194 -10.82 -13.30 17.27
N GLY B 195 -10.81 -14.46 16.59
CA GLY B 195 -11.91 -14.83 15.70
C GLY B 195 -12.47 -13.78 14.73
N LYS B 196 -11.64 -12.84 14.24
CA LYS B 196 -11.88 -12.17 12.95
C LYS B 196 -10.64 -12.47 12.13
N ARG B 197 -10.64 -12.22 10.81
CA ARG B 197 -9.51 -12.60 9.98
C ARG B 197 -9.25 -11.47 9.01
N GLY B 198 -8.35 -11.76 8.08
CA GLY B 198 -8.01 -10.84 7.03
C GLY B 198 -6.51 -10.66 6.91
N ASP B 199 -6.09 -10.43 5.66
CA ASP B 199 -4.67 -10.32 5.38
C ASP B 199 -4.54 -9.76 3.98
N ALA B 200 -3.36 -9.23 3.70
CA ALA B 200 -2.95 -9.10 2.34
C ALA B 200 -2.62 -10.46 1.69
N CYS B 201 -2.40 -10.45 0.38
CA CYS B 201 -1.99 -11.59 -0.33
C CYS B 201 -1.28 -11.21 -1.65
N GLU B 202 -0.81 -12.25 -2.37
CA GLU B 202 -0.15 -12.02 -3.69
C GLU B 202 -0.82 -10.92 -4.53
N GLY B 203 -0.05 -9.95 -4.99
CA GLY B 203 -0.49 -8.79 -5.77
C GLY B 203 -0.84 -7.53 -4.99
N ASP B 204 -0.87 -7.60 -3.64
CA ASP B 204 -1.10 -6.51 -2.72
C ASP B 204 0.16 -5.83 -2.27
N SER B 205 1.29 -6.54 -2.40
CA SER B 205 2.61 -6.00 -2.04
C SER B 205 2.76 -4.64 -2.69
N GLY B 206 3.41 -3.78 -1.98
CA GLY B 206 3.68 -2.40 -2.48
C GLY B 206 2.64 -1.40 -2.02
N GLY B 207 1.50 -1.89 -1.56
CA GLY B 207 0.31 -1.04 -1.30
C GLY B 207 0.34 -0.52 0.10
N PRO B 208 -0.61 0.35 0.45
CA PRO B 208 -0.49 1.11 1.72
C PRO B 208 -1.19 0.47 2.88
N PHE B 209 -0.60 0.62 4.08
CA PHE B 209 -1.24 0.40 5.39
C PHE B 209 -1.43 1.79 5.95
N VAL B 210 -2.69 2.23 6.04
CA VAL B 210 -3.01 3.60 6.43
C VAL B 210 -3.73 3.59 7.74
N MET B 211 -3.57 4.67 8.48
CA MET B 211 -4.29 4.96 9.67
C MET B 211 -4.87 6.40 9.61
N LYS B 212 -6.06 6.56 10.15
CA LYS B 212 -6.63 7.95 10.24
C LYS B 212 -6.35 8.60 11.59
N SER B 213 -5.54 9.66 11.61
CA SER B 213 -5.14 10.26 12.85
C SER B 213 -6.39 10.87 13.50
N PRO B 214 -6.68 10.50 14.76
CA PRO B 214 -7.79 11.06 15.48
C PRO B 214 -7.56 12.54 15.97
N PHE B 215 -6.34 13.05 15.80
CA PHE B 215 -5.89 14.36 16.27
C PHE B 215 -6.19 15.37 15.20
N ASN B 216 -5.87 14.99 13.97
CA ASN B 216 -6.16 15.95 12.86
C ASN B 216 -7.04 15.42 11.71
N ASN B 217 -7.56 14.20 11.84
CA ASN B 217 -8.56 13.63 10.93
C ASN B 217 -8.08 13.41 9.50
N ARG B 218 -6.78 13.20 9.36
CA ARG B 218 -6.18 12.92 8.07
C ARG B 218 -5.61 11.50 8.06
N TRP B 219 -5.51 10.96 6.88
CA TRP B 219 -4.90 9.65 6.73
C TRP B 219 -3.39 9.70 6.50
N TYR B 220 -2.67 8.82 7.19
CA TYR B 220 -1.22 8.68 7.15
C TYR B 220 -0.84 7.29 6.75
N GLN B 221 0.04 7.17 5.77
CA GLN B 221 0.59 5.88 5.45
C GLN B 221 1.68 5.45 6.46
N MET B 222 1.36 4.51 7.35
CA MET B 222 2.30 4.06 8.34
C MET B 222 3.15 2.90 7.82
N GLY B 223 2.59 2.13 6.87
CA GLY B 223 3.19 0.82 6.39
C GLY B 223 3.11 0.64 4.90
N ILE B 224 3.98 -0.20 4.40
CA ILE B 224 3.88 -0.69 3.08
C ILE B 224 3.72 -2.16 3.17
N VAL B 225 2.75 -2.67 2.42
CA VAL B 225 2.56 -4.11 2.34
C VAL B 225 3.88 -4.77 1.86
N SER B 226 4.38 -5.61 2.69
CA SER B 226 5.69 -6.28 2.38
C SER B 226 5.59 -7.77 2.16
N TRP B 227 5.45 -8.55 3.20
CA TRP B 227 5.45 -10.00 3.03
C TRP B 227 4.66 -10.73 4.14
N GLY B 228 4.24 -11.97 3.81
CA GLY B 228 3.75 -12.95 4.78
C GLY B 228 3.90 -14.34 4.28
N GLU B 229 3.72 -15.31 5.17
CA GLU B 229 3.97 -16.71 4.90
C GLU B 229 2.61 -17.30 4.74
N GLY B 230 2.27 -17.46 3.47
CA GLY B 230 0.95 -17.68 3.01
C GLY B 230 0.14 -16.40 3.12
N CYS B 231 -1.18 -16.56 3.14
CA CYS B 231 -2.16 -15.47 3.28
C CYS B 231 -3.25 -15.87 4.26
N ASP B 232 -3.44 -15.00 5.25
CA ASP B 232 -4.50 -15.19 6.25
C ASP B 232 -4.41 -16.54 6.94
N ARG B 233 -3.21 -17.07 7.20
CA ARG B 233 -3.12 -18.34 7.98
C ARG B 233 -3.27 -18.08 9.47
N ASP B 234 -3.82 -19.03 10.22
CA ASP B 234 -3.90 -18.92 11.68
C ASP B 234 -2.50 -18.90 12.27
N GLY B 235 -2.22 -17.94 13.15
CA GLY B 235 -0.92 -17.86 13.79
C GLY B 235 0.13 -17.11 12.99
N LYS B 236 -0.20 -16.65 11.76
CA LYS B 236 0.74 -15.88 10.98
C LYS B 236 0.17 -14.45 10.85
N TYR B 237 1.04 -13.52 10.49
CA TYR B 237 0.71 -12.12 10.31
C TYR B 237 1.41 -11.59 9.07
N GLY B 238 0.90 -10.44 8.64
CA GLY B 238 1.47 -9.68 7.50
C GLY B 238 2.55 -8.79 8.07
N PHE B 239 3.60 -8.57 7.27
CA PHE B 239 4.74 -7.74 7.70
C PHE B 239 4.74 -6.57 6.77
N TYR B 240 4.98 -5.39 7.35
CA TYR B 240 4.84 -4.12 6.70
C TYR B 240 6.11 -3.35 6.89
N THR B 241 6.57 -2.72 5.81
CA THR B 241 7.61 -1.71 5.95
C THR B 241 7.21 -0.53 6.85
N HIS B 242 8.05 -0.19 7.81
CA HIS B 242 7.83 0.97 8.74
C HIS B 242 8.24 2.27 8.05
N VAL B 243 7.23 2.97 7.53
CA VAL B 243 7.50 4.16 6.69
C VAL B 243 8.23 5.25 7.42
N PHE B 244 7.84 5.50 8.65
CA PHE B 244 8.45 6.53 9.40
C PHE B 244 9.95 6.30 9.65
N ARG B 245 10.33 5.12 10.01
CA ARG B 245 11.77 4.78 10.16
C ARG B 245 12.56 4.98 8.90
N LEU B 246 11.96 4.96 7.71
CA LEU B 246 12.69 5.16 6.46
C LEU B 246 12.46 6.56 5.86
N LYS B 247 11.77 7.45 6.58
CA LYS B 247 11.44 8.74 6.02
C LYS B 247 12.68 9.64 5.82
N LYS B 248 13.79 9.41 6.52
CA LYS B 248 15.00 10.20 6.20
C LYS B 248 15.43 9.98 4.74
N TRP B 249 15.33 8.73 4.34
CA TRP B 249 15.62 8.37 2.95
C TRP B 249 14.58 8.93 1.99
N ILE B 250 13.31 8.76 2.28
CA ILE B 250 12.27 9.35 1.40
C ILE B 250 12.53 10.89 1.15
N GLN B 251 12.73 11.62 2.24
CA GLN B 251 12.99 13.09 2.20
C GLN B 251 14.24 13.41 1.43
N LYS B 252 15.26 12.61 1.71
CA LYS B 252 16.49 12.72 1.00
C LYS B 252 16.36 12.57 -0.49
N VAL B 253 15.65 11.54 -0.96
CA VAL B 253 15.41 11.33 -2.41
C VAL B 253 14.58 12.45 -3.03
N ILE B 254 13.53 12.80 -2.33
CA ILE B 254 12.59 13.77 -2.86
C ILE B 254 13.33 15.14 -2.85
N ASP B 255 14.07 15.50 -1.79
CA ASP B 255 14.80 16.78 -1.80
C ASP B 255 15.87 16.89 -2.88
N GLN B 256 16.63 15.85 -3.13
CA GLN B 256 17.69 15.85 -4.13
C GLN B 256 17.14 15.81 -5.54
N PHE B 257 16.08 15.01 -5.75
CA PHE B 257 15.53 14.83 -7.12
C PHE B 257 14.13 15.45 -7.44
N GLY C 1 -6.20 -11.21 -22.69
CA GLY C 1 -7.02 -10.05 -22.40
C GLY C 1 -7.74 -10.10 -21.06
N ASP C 2 -7.06 -10.52 -19.99
CA ASP C 2 -7.70 -10.47 -18.65
C ASP C 2 -8.00 -9.02 -18.24
N PHE C 3 -7.02 -8.19 -18.50
CA PHE C 3 -7.16 -6.76 -18.44
C PHE C 3 -7.69 -6.14 -19.71
N GLU C 4 -8.59 -5.17 -19.57
CA GLU C 4 -9.01 -4.41 -20.72
C GLU C 4 -7.83 -3.59 -21.31
N GLU C 5 -7.87 -3.44 -22.64
CA GLU C 5 -6.86 -2.71 -23.40
C GLU C 5 -6.76 -1.27 -22.95
N ILE C 6 -5.52 -0.84 -22.72
CA ILE C 6 -5.21 0.54 -22.33
C ILE C 6 -5.20 1.34 -23.64
N PRO C 7 -5.51 2.65 -23.61
CA PRO C 7 -5.31 3.37 -24.88
C PRO C 7 -3.82 3.35 -25.33
N GLU C 8 -3.60 3.22 -26.63
CA GLU C 8 -2.26 3.01 -27.22
C GLU C 8 -1.31 4.13 -26.87
N GLU C 9 -1.82 5.36 -26.69
CA GLU C 9 -0.96 6.46 -26.26
C GLU C 9 -0.17 6.19 -24.99
N TYS C 10 -0.64 5.30 -24.13
CA TYS C 10 0.13 4.99 -22.93
CB TYS C 10 -0.78 4.55 -21.83
CG TYS C 10 -1.72 5.64 -21.44
CD1 TYS C 10 -1.27 6.84 -20.89
CD2 TYS C 10 -3.06 5.37 -21.71
CE1 TYS C 10 -2.24 7.80 -20.60
CE2 TYS C 10 -4.00 6.31 -21.41
CZ TYS C 10 -3.60 7.49 -20.84
OH TYS C 10 -4.62 8.31 -20.59
S TYS C 10 -5.25 8.47 -19.19
O1 TYS C 10 -5.83 7.18 -18.83
O2 TYS C 10 -4.29 9.04 -18.25
O3 TYS C 10 -6.41 9.61 -19.37
C TYS C 10 1.18 3.95 -23.13
O TYS C 10 2.03 3.81 -22.29
N LEU C 11 1.19 3.24 -24.25
CA LEU C 11 2.17 2.16 -24.46
C LEU C 11 3.34 2.64 -25.34
C4 QQN D . 5.73 -12.71 0.31
C5 QQN D . 6.35 -13.85 0.87
C6 QQN D . 7.71 -14.07 0.65
C7 QQN D . 8.41 -15.27 1.31
N12 QQN D . 5.66 -10.84 -0.98
C15 QQN D . 1.77 -10.83 1.16
C17 QQN D . 1.60 -9.65 3.23
C20 QQN D . 1.05 -11.89 1.68
C22 QQN D . 9.93 -16.28 2.98
C24 QQN D . 11.76 -14.59 3.42
C26 QQN D . 9.52 -13.77 2.92
C28 QQN D . 11.30 -12.28 3.69
C25 QQN D . 10.96 -13.45 2.85
O27 QQN D . 13.05 -14.17 3.07
C23 QQN D . 11.42 -15.97 2.83
N9 QQN D . 9.23 -15.11 2.36
O8 QQN D . 8.13 -16.38 0.90
C1 QQN D . 8.46 -13.26 -0.19
C2 QQN D . 7.83 -12.16 -0.77
O29 QQN D . 8.53 -11.31 -1.59
C30 QQN D . 9.82 -11.69 -2.03
C3 QQN D . 6.46 -11.87 -0.54
O10 QQN D . 4.48 -12.23 0.35
C11 QQN D . 4.48 -11.09 -0.48
N13 QQN D . 3.41 -10.34 -0.69
C14 QQN D . 2.19 -10.94 -0.28
C16 QQN D . 2.05 -9.73 1.93
CL1 QQN D . 1.98 -8.24 4.19
C18 QQN D . 0.83 -10.70 3.74
C19 QQN D . 0.58 -11.83 2.99
C1 NAG E . 18.99 -4.83 -12.65
C2 NAG E . 20.42 -5.33 -12.38
C3 NAG E . 21.33 -4.10 -12.31
C4 NAG E . 21.32 -3.44 -13.70
C5 NAG E . 19.87 -3.02 -14.01
C6 NAG E . 19.66 -2.36 -15.38
C7 NAG E . 20.25 -7.54 -11.30
C8 NAG E . 19.99 -8.24 -12.62
N2 NAG E . 20.45 -6.20 -11.22
O3 NAG E . 22.66 -4.47 -11.92
O4 NAG E . 22.28 -2.35 -13.78
O5 NAG E . 19.01 -4.17 -13.94
O6 NAG E . 19.30 -3.34 -16.36
O7 NAG E . 20.28 -8.22 -10.30
#